data_6BQZ
#
_entry.id   6BQZ
#
_cell.length_a   48.260
_cell.length_b   49.800
_cell.length_c   73.370
_cell.angle_alpha   87.650
_cell.angle_beta   107.110
_cell.angle_gamma   113.860
#
_symmetry.space_group_name_H-M   'P 1'
#
loop_
_entity.id
_entity.type
_entity.pdbx_description
1 polymer 'Tyrosine--tRNA ligase'
2 non-polymer TYROSINE
3 non-polymer 'MAGNESIUM ION'
4 non-polymer 'ACETATE ION'
5 water water
#
_entity_poly.entity_id   1
_entity_poly.type   'polypeptide(L)'
_entity_poly.pdbx_seq_one_letter_code
;MAHHHHHHLPAEEQLALIQRGTHEIISEEDLLKKLKENRPLKIKAGFDPTAPDLHLGHTVLINKLKTFQDLGHEVTFLIG
DYTAMIGDPTGKSATRPPLSREQVEANAKTYQEQVFKILDPNKTKVRFNSEWFNQKSAADLIQLASQQTVSRMLERDDFT
KRYNNHQPIAIHEFLYPLVQGYDSIALEADVELGGTDQTFNLLMGRTLQSRYGQESQVCITVPILEGLDGVNKMSKSLGN
YIGVFDAPGAMYQKVLSMPDSLIERYFDLLSFKSLDEIKALLDEIAAGRNPQEVKRILALELVERFHDAEAAANAHKSAG
NRITEGEVPADTPEVTISRGEFGGEIFIATILRVAGLNPNAAAAKDAVARGAVKVDWNVVDASFSVKENGTFIIQSGKKA
IARVTFTD
;
_entity_poly.pdbx_strand_id   A,B
#
loop_
_chem_comp.id
_chem_comp.type
_chem_comp.name
_chem_comp.formula
ACT non-polymer 'ACETATE ION' 'C2 H3 O2 -1'
MG non-polymer 'MAGNESIUM ION' 'Mg 2'
#
# COMPACT_ATOMS: atom_id res chain seq x y z
N HIS A 6 -6.61 -6.68 -4.81
CA HIS A 6 -7.70 -6.86 -5.76
C HIS A 6 -8.98 -6.21 -5.24
N HIS A 7 -9.17 -4.93 -5.61
CA HIS A 7 -10.17 -4.02 -5.06
C HIS A 7 -9.77 -3.57 -3.65
N HIS A 8 -9.31 -4.52 -2.82
CA HIS A 8 -8.73 -4.24 -1.51
C HIS A 8 -7.34 -4.88 -1.48
N LEU A 9 -6.32 -4.09 -1.12
CA LEU A 9 -4.97 -4.61 -0.91
C LEU A 9 -4.96 -5.80 0.06
N PRO A 10 -4.02 -6.74 -0.08
CA PRO A 10 -3.90 -7.81 0.91
C PRO A 10 -3.72 -7.23 2.32
N ALA A 11 -4.17 -8.00 3.31
CA ALA A 11 -4.22 -7.50 4.68
C ALA A 11 -2.82 -7.17 5.19
N GLU A 12 -1.83 -7.99 4.83
CA GLU A 12 -0.50 -7.80 5.38
C GLU A 12 0.16 -6.55 4.83
N GLU A 13 -0.20 -6.15 3.60
CA GLU A 13 0.34 -4.93 3.03
C GLU A 13 -0.31 -3.71 3.69
N GLN A 14 -1.63 -3.73 3.86
CA GLN A 14 -2.30 -2.62 4.55
C GLN A 14 -1.70 -2.42 5.93
N LEU A 15 -1.48 -3.51 6.66
CA LEU A 15 -0.82 -3.44 7.97
C LEU A 15 0.48 -2.66 7.91
N ALA A 16 1.32 -2.95 6.91
CA ALA A 16 2.62 -2.29 6.83
C ALA A 16 2.45 -0.79 6.66
N LEU A 17 1.45 -0.36 5.88
CA LEU A 17 1.24 1.07 5.67
C LEU A 17 0.61 1.72 6.91
N ILE A 18 -0.25 0.99 7.62
CA ILE A 18 -0.96 1.57 8.75
C ILE A 18 0.00 1.80 9.92
N GLN A 19 0.95 0.89 10.14
CA GLN A 19 1.76 1.04 11.35
C GLN A 19 2.90 2.04 11.19
N ARG A 20 3.28 2.39 9.96
CA ARG A 20 4.33 3.38 9.74
C ARG A 20 3.97 4.71 10.39
N GLY A 21 4.79 5.14 11.33
CA GLY A 21 4.58 6.43 11.97
C GLY A 21 3.70 6.40 13.20
N THR A 22 3.35 5.22 13.68
CA THR A 22 2.52 5.06 14.86
C THR A 22 3.38 4.71 16.07
N HIS A 23 2.92 5.13 17.24
CA HIS A 23 3.62 4.78 18.47
C HIS A 23 3.14 3.45 19.05
N GLU A 24 1.88 3.09 18.84
CA GLU A 24 1.33 1.91 19.47
C GLU A 24 0.04 1.51 18.75
N ILE A 25 -0.23 0.21 18.76
CA ILE A 25 -1.43 -0.36 18.16
C ILE A 25 -1.90 -1.41 19.16
N ILE A 26 -2.98 -1.13 19.89
CA ILE A 26 -3.38 -2.09 20.91
C ILE A 26 -4.14 -3.19 20.18
N SER A 27 -3.40 -4.26 19.89
CA SER A 27 -3.75 -5.51 19.23
C SER A 27 -3.49 -5.42 17.73
N GLU A 28 -2.21 -5.53 17.35
CA GLU A 28 -1.90 -5.88 15.98
C GLU A 28 -2.71 -7.10 15.54
N GLU A 29 -2.81 -8.10 16.42
CA GLU A 29 -3.53 -9.33 16.08
C GLU A 29 -4.98 -9.04 15.68
N ASP A 30 -5.65 -8.15 16.40
CA ASP A 30 -7.04 -7.85 16.05
C ASP A 30 -7.15 -6.93 14.85
N LEU A 31 -6.18 -6.05 14.63
CA LEU A 31 -6.20 -5.25 13.41
C LEU A 31 -6.01 -6.14 12.19
N LEU A 32 -5.10 -7.11 12.27
CA LEU A 32 -4.94 -8.01 11.14
C LEU A 32 -6.21 -8.81 10.90
N LYS A 33 -6.87 -9.26 11.98
CA LYS A 33 -8.11 -10.01 11.84
C LYS A 33 -9.19 -9.18 11.15
N LYS A 34 -9.30 -7.90 11.52
CA LYS A 34 -10.23 -7.00 10.83
C LYS A 34 -9.85 -6.80 9.36
N LEU A 35 -8.55 -6.65 9.07
CA LEU A 35 -8.17 -6.41 7.68
C LEU A 35 -8.40 -7.65 6.83
N LYS A 36 -8.19 -8.83 7.40
CA LYS A 36 -8.47 -10.08 6.69
C LYS A 36 -9.95 -10.30 6.45
N GLU A 37 -10.83 -9.54 7.13
CA GLU A 37 -12.26 -9.65 6.84
C GLU A 37 -12.59 -9.04 5.48
N ASN A 38 -11.68 -8.26 4.90
CA ASN A 38 -11.80 -7.81 3.52
C ASN A 38 -13.04 -6.95 3.30
N ARG A 39 -13.19 -5.95 4.15
CA ARG A 39 -14.36 -5.09 4.15
C ARG A 39 -13.93 -3.69 4.55
N PRO A 40 -14.76 -2.68 4.26
CA PRO A 40 -14.45 -1.32 4.74
C PRO A 40 -14.57 -1.19 6.25
N LEU A 41 -13.48 -0.80 6.89
CA LEU A 41 -13.47 -0.62 8.33
C LEU A 41 -13.92 0.79 8.70
N LYS A 42 -14.59 0.91 9.85
CA LYS A 42 -15.06 2.19 10.35
C LYS A 42 -13.97 2.81 11.22
N ILE A 43 -13.39 3.91 10.73
CA ILE A 43 -12.26 4.59 11.35
C ILE A 43 -12.79 5.80 12.10
N LYS A 44 -12.55 5.86 13.41
CA LYS A 44 -13.03 6.92 14.27
C LYS A 44 -11.86 7.80 14.68
N ALA A 45 -11.98 9.09 14.44
CA ALA A 45 -11.03 10.07 14.96
C ALA A 45 -11.84 11.24 15.49
N GLY A 46 -11.64 11.58 16.77
CA GLY A 46 -12.47 12.55 17.43
C GLY A 46 -11.71 13.82 17.77
N PHE A 47 -12.41 14.95 17.72
CA PHE A 47 -11.76 16.23 17.99
C PHE A 47 -12.62 17.08 18.92
N ASP A 48 -11.94 17.77 19.83
CA ASP A 48 -12.63 18.65 20.78
C ASP A 48 -12.85 20.02 20.14
N PRO A 49 -14.08 20.52 20.06
CA PRO A 49 -14.34 21.75 19.31
C PRO A 49 -14.09 23.06 20.04
N THR A 50 -13.22 23.08 21.05
CA THR A 50 -13.01 24.35 21.74
C THR A 50 -11.98 25.22 21.04
N ALA A 51 -10.96 24.62 20.41
CA ALA A 51 -9.87 25.40 19.83
C ALA A 51 -10.30 26.05 18.51
N PRO A 52 -9.71 27.21 18.18
CA PRO A 52 -10.04 27.84 16.88
C PRO A 52 -9.65 27.00 15.68
N ASP A 53 -8.61 26.18 15.79
CA ASP A 53 -8.16 25.36 14.67
C ASP A 53 -7.42 24.12 15.18
N LEU A 54 -7.06 23.24 14.25
CA LEU A 54 -6.12 22.16 14.54
C LEU A 54 -4.72 22.65 14.21
N HIS A 55 -3.79 22.51 15.16
CA HIS A 55 -2.45 23.01 14.95
C HIS A 55 -1.67 22.09 13.99
N LEU A 56 -0.49 22.56 13.55
CA LEU A 56 0.30 21.90 12.53
C LEU A 56 0.85 20.54 12.96
N GLY A 57 0.68 20.15 14.22
CA GLY A 57 1.09 18.86 14.74
C GLY A 57 0.14 17.72 14.49
N HIS A 58 -1.14 18.01 14.23
CA HIS A 58 -2.12 17.02 13.80
C HIS A 58 -1.79 16.38 12.40
N THR A 59 -0.66 16.69 11.76
CA THR A 59 -0.47 16.30 10.35
C THR A 59 -0.31 14.80 10.20
N VAL A 60 0.60 14.19 10.97
CA VAL A 60 0.72 12.73 10.94
C VAL A 60 -0.62 12.06 11.16
N LEU A 61 -1.40 12.56 12.12
CA LEU A 61 -2.72 11.99 12.39
C LEU A 61 -3.62 12.08 11.18
N ILE A 62 -3.68 13.24 10.52
CA ILE A 62 -4.60 13.38 9.41
C ILE A 62 -4.11 12.58 8.20
N ASN A 63 -2.79 12.51 7.97
CA ASN A 63 -2.27 11.70 6.88
C ASN A 63 -2.41 10.22 7.16
N LYS A 64 -2.52 9.81 8.43
CA LYS A 64 -2.86 8.42 8.73
C LYS A 64 -4.33 8.15 8.43
N LEU A 65 -5.21 9.11 8.69
CA LEU A 65 -6.60 8.95 8.28
C LEU A 65 -6.71 8.88 6.77
N LYS A 66 -5.83 9.60 6.07
CA LYS A 66 -5.81 9.55 4.60
C LYS A 66 -5.34 8.18 4.12
N THR A 67 -4.32 7.62 4.77
CA THR A 67 -3.88 6.26 4.49
C THR A 67 -5.05 5.28 4.63
N PHE A 68 -5.80 5.38 5.72
CA PHE A 68 -6.97 4.53 5.88
C PHE A 68 -7.97 4.76 4.75
N GLN A 69 -8.17 6.01 4.36
CA GLN A 69 -9.16 6.33 3.34
C GLN A 69 -8.74 5.79 1.97
N ASP A 70 -7.46 5.90 1.63
CA ASP A 70 -6.96 5.40 0.35
C ASP A 70 -6.93 3.88 0.27
N LEU A 71 -6.93 3.19 1.40
CA LEU A 71 -7.06 1.74 1.40
C LEU A 71 -8.52 1.28 1.34
N GLY A 72 -9.46 2.21 1.16
CA GLY A 72 -10.87 1.89 1.04
C GLY A 72 -11.69 1.90 2.31
N HIS A 73 -11.13 2.32 3.44
CA HIS A 73 -11.85 2.30 4.71
C HIS A 73 -12.56 3.63 4.93
N GLU A 74 -13.52 3.62 5.86
CA GLU A 74 -14.49 4.70 6.03
C GLU A 74 -14.09 5.51 7.26
N VAL A 75 -13.71 6.76 7.03
CA VAL A 75 -13.26 7.64 8.10
C VAL A 75 -14.44 8.45 8.60
N THR A 76 -14.65 8.45 9.92
CA THR A 76 -15.60 9.33 10.56
C THR A 76 -14.80 10.42 11.26
N PHE A 77 -14.98 11.64 10.82
CA PHE A 77 -14.45 12.80 11.51
C PHE A 77 -15.48 13.19 12.57
N LEU A 78 -15.14 13.02 13.83
CA LEU A 78 -16.11 13.14 14.92
C LEU A 78 -15.82 14.39 15.74
N ILE A 79 -16.81 15.26 15.83
CA ILE A 79 -16.73 16.45 16.67
C ILE A 79 -17.41 16.11 18.00
N GLY A 80 -16.67 16.23 19.08
CA GLY A 80 -17.24 15.98 20.39
C GLY A 80 -17.89 17.21 20.97
N ASP A 81 -19.04 17.63 20.41
CA ASP A 81 -19.71 18.82 20.91
C ASP A 81 -20.49 18.57 22.19
N TYR A 82 -20.84 17.32 22.48
CA TYR A 82 -21.82 17.02 23.50
C TYR A 82 -21.38 17.52 24.87
N THR A 83 -20.16 17.17 25.29
CA THR A 83 -19.67 17.61 26.59
C THR A 83 -19.30 19.09 26.59
N ALA A 84 -18.85 19.61 25.45
CA ALA A 84 -18.42 20.99 25.38
C ALA A 84 -19.58 21.96 25.57
N MET A 85 -20.82 21.54 25.31
CA MET A 85 -21.98 22.43 25.39
C MET A 85 -22.74 22.29 26.70
N ILE A 86 -22.25 21.50 27.63
CA ILE A 86 -22.93 21.34 28.90
C ILE A 86 -22.32 22.33 29.89
N GLY A 87 -23.17 23.20 30.44
CA GLY A 87 -22.73 24.21 31.37
C GLY A 87 -22.96 23.84 32.82
N ASP A 88 -22.60 24.79 33.69
CA ASP A 88 -22.78 24.74 35.14
C ASP A 88 -24.23 25.05 35.51
N PRO A 89 -24.78 24.38 36.52
CA PRO A 89 -26.15 24.73 36.98
C PRO A 89 -26.23 26.15 37.51
N THR A 90 -27.13 26.93 36.93
CA THR A 90 -27.36 28.31 37.34
C THR A 90 -27.93 28.41 38.75
N ARG A 96 -18.01 30.89 34.14
CA ARG A 96 -17.43 30.21 32.99
C ARG A 96 -18.52 29.53 32.17
N PRO A 97 -18.68 29.96 30.92
CA PRO A 97 -19.75 29.41 30.06
C PRO A 97 -19.24 28.26 29.23
N PRO A 98 -20.16 27.41 28.73
CA PRO A 98 -19.77 26.37 27.77
C PRO A 98 -19.73 26.91 26.35
N LEU A 99 -19.50 26.06 25.36
CA LEU A 99 -19.60 26.47 23.96
C LEU A 99 -21.06 26.56 23.55
N SER A 100 -21.41 27.63 22.84
CA SER A 100 -22.72 27.66 22.23
C SER A 100 -22.74 26.78 20.97
N ARG A 101 -23.94 26.50 20.47
CA ARG A 101 -24.05 25.71 19.25
C ARG A 101 -23.45 26.46 18.07
N GLU A 102 -23.61 27.78 18.04
CA GLU A 102 -23.04 28.58 16.96
C GLU A 102 -21.51 28.56 17.00
N GLN A 103 -20.92 28.38 18.17
CA GLN A 103 -19.47 28.28 18.27
C GLN A 103 -18.99 26.93 17.76
N VAL A 104 -19.65 25.85 18.20
CA VAL A 104 -19.36 24.51 17.70
C VAL A 104 -19.41 24.49 16.18
N GLU A 105 -20.52 24.99 15.61
CA GLU A 105 -20.67 24.96 14.18
C GLU A 105 -19.60 25.80 13.49
N ALA A 106 -19.30 26.98 14.03
CA ALA A 106 -18.29 27.84 13.41
C ALA A 106 -16.91 27.19 13.48
N ASN A 107 -16.54 26.67 14.64
CA ASN A 107 -15.24 26.01 14.77
C ASN A 107 -15.17 24.75 13.92
N ALA A 108 -16.25 23.97 13.88
CA ALA A 108 -16.25 22.73 13.10
C ALA A 108 -16.04 23.02 11.64
N LYS A 109 -16.66 24.08 11.12
CA LYS A 109 -16.46 24.45 9.71
C LYS A 109 -15.01 24.76 9.43
N THR A 110 -14.29 25.34 10.39
CA THR A 110 -12.88 25.65 10.15
C THR A 110 -12.05 24.37 10.13
N TYR A 111 -12.37 23.41 11.00
CA TYR A 111 -11.66 22.14 11.00
C TYR A 111 -11.83 21.43 9.67
N GLN A 112 -13.03 21.50 9.10
CA GLN A 112 -13.30 20.82 7.84
C GLN A 112 -12.58 21.50 6.68
N GLU A 113 -12.53 22.83 6.66
CA GLU A 113 -11.75 23.50 5.62
C GLU A 113 -10.30 23.05 5.69
N GLN A 114 -9.78 22.82 6.91
CA GLN A 114 -8.42 22.33 7.05
C GLN A 114 -8.27 20.88 6.57
N VAL A 115 -9.04 19.94 7.14
CA VAL A 115 -8.73 18.54 6.92
C VAL A 115 -9.09 18.08 5.51
N PHE A 116 -9.94 18.80 4.80
CA PHE A 116 -10.33 18.42 3.46
C PHE A 116 -9.39 19.01 2.40
N LYS A 117 -8.39 19.77 2.83
CA LYS A 117 -7.20 19.92 2.00
C LYS A 117 -6.45 18.61 1.88
N ILE A 118 -6.66 17.69 2.82
CA ILE A 118 -6.02 16.38 2.80
C ILE A 118 -7.02 15.28 2.50
N LEU A 119 -8.07 15.15 3.32
CA LEU A 119 -9.03 14.08 3.12
C LEU A 119 -10.01 14.44 2.01
N ASP A 120 -10.67 13.41 1.49
CA ASP A 120 -11.69 13.56 0.46
C ASP A 120 -13.03 13.81 1.15
N PRO A 121 -13.74 14.90 0.85
CA PRO A 121 -15.03 15.15 1.52
C PRO A 121 -16.13 14.18 1.10
N ASN A 122 -16.11 13.69 -0.14
CA ASN A 122 -17.11 12.72 -0.57
C ASN A 122 -16.91 11.33 0.03
N LYS A 123 -15.83 11.10 0.78
CA LYS A 123 -15.59 9.82 1.41
C LYS A 123 -15.51 9.90 2.93
N THR A 124 -15.65 11.08 3.50
CA THR A 124 -15.50 11.30 4.93
C THR A 124 -16.86 11.61 5.53
N LYS A 125 -17.16 10.95 6.64
CA LYS A 125 -18.35 11.26 7.44
C LYS A 125 -17.96 12.23 8.54
N VAL A 126 -18.59 13.39 8.54
CA VAL A 126 -18.46 14.35 9.64
C VAL A 126 -19.63 14.15 10.59
N ARG A 127 -19.34 13.82 11.84
CA ARG A 127 -20.42 13.61 12.79
C ARG A 127 -20.13 14.30 14.12
N PHE A 128 -21.20 14.67 14.81
CA PHE A 128 -21.11 15.31 16.14
C PHE A 128 -21.68 14.34 17.16
N ASN A 129 -20.96 14.13 18.26
CA ASN A 129 -21.47 13.11 19.16
C ASN A 129 -22.73 13.54 19.92
N SER A 130 -23.10 14.82 19.88
CA SER A 130 -24.41 15.16 20.41
C SER A 130 -25.54 14.52 19.62
N GLU A 131 -25.25 13.97 18.43
CA GLU A 131 -26.29 13.41 17.58
C GLU A 131 -26.97 12.23 18.25
N TRP A 132 -26.23 11.43 19.02
CA TRP A 132 -26.86 10.36 19.77
C TRP A 132 -26.98 10.66 21.25
N PHE A 133 -26.07 11.45 21.81
CA PHE A 133 -26.08 11.64 23.26
C PHE A 133 -27.19 12.59 23.71
N ASN A 134 -27.62 13.52 22.86
CA ASN A 134 -28.75 14.38 23.22
C ASN A 134 -30.02 13.58 23.53
N GLN A 135 -30.11 12.34 23.04
CA GLN A 135 -31.27 11.47 23.28
C GLN A 135 -31.01 10.40 24.33
N LYS A 136 -29.86 10.43 24.99
CA LYS A 136 -29.61 9.52 26.11
C LYS A 136 -30.24 10.09 27.38
N SER A 137 -30.79 9.19 28.20
CA SER A 137 -31.38 9.55 29.48
C SER A 137 -30.32 9.51 30.57
N ALA A 138 -30.66 10.08 31.73
CA ALA A 138 -29.80 9.89 32.89
C ALA A 138 -29.60 8.42 33.18
N ALA A 139 -30.64 7.62 32.99
CA ALA A 139 -30.54 6.18 33.26
C ALA A 139 -29.54 5.51 32.30
N ASP A 140 -29.51 5.95 31.03
CA ASP A 140 -28.49 5.40 30.10
C ASP A 140 -27.08 5.70 30.58
N LEU A 141 -26.86 6.88 31.18
CA LEU A 141 -25.53 7.25 31.65
C LEU A 141 -25.16 6.52 32.94
N ILE A 142 -26.11 6.35 33.85
CA ILE A 142 -25.87 5.51 35.01
C ILE A 142 -25.48 4.09 34.59
N GLN A 143 -26.15 3.55 33.57
CA GLN A 143 -25.79 2.23 33.06
C GLN A 143 -24.35 2.21 32.55
N LEU A 144 -23.98 3.24 31.79
CA LEU A 144 -22.61 3.35 31.29
C LEU A 144 -21.62 3.47 32.44
N ALA A 145 -21.93 4.32 33.42
CA ALA A 145 -21.02 4.56 34.55
C ALA A 145 -20.78 3.31 35.37
N SER A 146 -21.72 2.36 35.37
CA SER A 146 -21.53 1.10 36.09
C SER A 146 -20.45 0.21 35.48
N GLN A 147 -19.93 0.53 34.30
CA GLN A 147 -19.00 -0.34 33.60
C GLN A 147 -17.53 -0.06 33.91
N GLN A 148 -17.23 1.03 34.62
CA GLN A 148 -15.86 1.32 35.04
C GLN A 148 -15.83 1.63 36.52
N THR A 149 -14.67 1.44 37.13
CA THR A 149 -14.46 1.64 38.55
C THR A 149 -13.74 2.97 38.82
N VAL A 150 -13.87 3.45 40.07
CA VAL A 150 -13.24 4.69 40.48
C VAL A 150 -11.73 4.58 40.39
N SER A 151 -11.18 3.46 40.85
CA SER A 151 -9.72 3.30 40.89
C SER A 151 -9.12 3.20 39.50
N ARG A 152 -9.90 2.70 38.53
CA ARG A 152 -9.39 2.64 37.16
C ARG A 152 -9.36 4.03 36.54
N MET A 153 -10.41 4.81 36.78
CA MET A 153 -10.44 6.18 36.29
C MET A 153 -9.32 7.01 36.90
N LEU A 154 -8.97 6.75 38.16
CA LEU A 154 -7.89 7.50 38.81
C LEU A 154 -6.51 7.12 38.27
N GLU A 155 -6.42 6.12 37.38
CA GLU A 155 -5.14 5.79 36.77
C GLU A 155 -4.81 6.69 35.59
N ARG A 156 -5.78 7.42 35.05
CA ARG A 156 -5.45 8.38 34.00
C ARG A 156 -4.46 9.40 34.57
N ASP A 157 -3.34 9.57 33.86
CA ASP A 157 -2.18 10.26 34.42
C ASP A 157 -2.53 11.65 34.95
N ASP A 158 -3.36 12.40 34.22
CA ASP A 158 -3.74 13.72 34.72
C ASP A 158 -4.58 13.63 35.99
N PHE A 159 -5.45 12.62 36.11
CA PHE A 159 -6.21 12.44 37.35
C PHE A 159 -5.30 12.03 38.50
N THR A 160 -4.30 11.19 38.21
CA THR A 160 -3.41 10.72 39.27
C THR A 160 -2.63 11.87 39.87
N LYS A 161 -2.19 12.82 39.03
CA LYS A 161 -1.42 13.94 39.54
C LYS A 161 -2.29 14.83 40.41
N ARG A 162 -3.47 15.21 39.90
CA ARG A 162 -4.38 16.07 40.66
C ARG A 162 -4.72 15.44 42.00
N TYR A 163 -5.10 14.16 42.01
CA TYR A 163 -5.43 13.48 43.25
C TYR A 163 -4.26 13.48 44.22
N ASN A 164 -3.04 13.22 43.72
CA ASN A 164 -1.85 13.22 44.58
C ASN A 164 -1.52 14.61 45.12
N ASN A 165 -1.94 15.67 44.43
CA ASN A 165 -1.72 17.04 44.88
C ASN A 165 -2.95 17.63 45.56
N HIS A 166 -3.92 16.77 45.92
CA HIS A 166 -5.23 17.16 46.47
C HIS A 166 -5.87 18.30 45.69
N GLN A 167 -5.81 18.21 44.37
CA GLN A 167 -6.58 19.18 43.59
C GLN A 167 -7.94 18.59 43.22
N PRO A 168 -9.03 19.35 43.36
CA PRO A 168 -10.37 18.80 43.16
C PRO A 168 -10.59 18.23 41.77
N ILE A 169 -11.23 17.06 41.73
CA ILE A 169 -11.71 16.41 40.52
C ILE A 169 -13.22 16.33 40.62
N ALA A 170 -13.93 17.17 39.87
CA ALA A 170 -15.39 17.07 39.82
C ALA A 170 -15.81 15.73 39.20
N ILE A 171 -16.93 15.20 39.68
CA ILE A 171 -17.30 13.81 39.33
C ILE A 171 -17.64 13.69 37.85
N HIS A 172 -18.24 14.71 37.25
CA HIS A 172 -18.58 14.58 35.84
C HIS A 172 -17.34 14.39 34.96
N GLU A 173 -16.15 14.75 35.46
CA GLU A 173 -14.92 14.52 34.69
C GLU A 173 -14.62 13.04 34.55
N PHE A 174 -15.09 12.21 35.47
CA PHE A 174 -15.01 10.76 35.30
C PHE A 174 -16.00 10.28 34.25
N LEU A 175 -17.02 11.08 33.95
CA LEU A 175 -18.00 10.65 32.98
C LEU A 175 -17.54 10.92 31.56
N TYR A 176 -16.68 11.92 31.38
CA TYR A 176 -16.21 12.30 30.05
C TYR A 176 -15.55 11.15 29.30
N PRO A 177 -14.63 10.37 29.88
CA PRO A 177 -14.10 9.23 29.12
C PRO A 177 -15.18 8.25 28.72
N LEU A 178 -16.20 8.09 29.56
CA LEU A 178 -17.29 7.19 29.22
C LEU A 178 -18.11 7.69 28.05
N VAL A 179 -18.22 9.00 27.89
CA VAL A 179 -18.86 9.54 26.70
C VAL A 179 -18.06 9.17 25.46
N GLN A 180 -16.73 9.30 25.54
CA GLN A 180 -15.89 9.02 24.39
C GLN A 180 -15.95 7.54 24.04
N GLY A 181 -15.88 6.67 25.04
CA GLY A 181 -16.06 5.24 24.81
C GLY A 181 -17.38 4.91 24.14
N TYR A 182 -18.48 5.40 24.71
CA TYR A 182 -19.79 5.11 24.12
C TYR A 182 -19.82 5.54 22.65
N ASP A 183 -19.15 6.65 22.32
CA ASP A 183 -19.12 7.11 20.92
C ASP A 183 -18.60 6.01 19.99
N SER A 184 -17.64 5.21 20.44
CA SER A 184 -17.18 4.08 19.64
C SER A 184 -18.30 3.07 19.41
N ILE A 185 -19.15 2.86 20.42
CA ILE A 185 -20.27 1.93 20.28
C ILE A 185 -21.25 2.46 19.25
N ALA A 186 -21.65 3.72 19.39
CA ALA A 186 -22.66 4.28 18.50
C ALA A 186 -22.16 4.35 17.06
N LEU A 187 -20.85 4.49 16.87
CA LEU A 187 -20.24 4.48 15.54
C LEU A 187 -19.85 3.10 15.07
N GLU A 188 -19.84 2.11 15.96
CA GLU A 188 -19.35 0.76 15.66
C GLU A 188 -17.91 0.82 15.15
N ALA A 189 -17.10 1.62 15.83
CA ALA A 189 -15.73 1.85 15.38
C ALA A 189 -14.95 0.54 15.31
N ASP A 190 -14.30 0.29 14.17
CA ASP A 190 -13.32 -0.77 14.10
C ASP A 190 -11.97 -0.29 14.63
N VAL A 191 -11.64 0.97 14.35
CA VAL A 191 -10.37 1.58 14.71
C VAL A 191 -10.64 2.96 15.29
N GLU A 192 -9.86 3.35 16.29
CA GLU A 192 -9.87 4.73 16.75
C GLU A 192 -8.44 5.24 16.81
N LEU A 193 -8.25 6.47 16.34
CA LEU A 193 -6.95 7.12 16.29
C LEU A 193 -6.92 8.30 17.23
N GLY A 194 -5.77 8.52 17.86
CA GLY A 194 -5.59 9.66 18.73
C GLY A 194 -4.11 9.86 19.00
N GLY A 195 -3.81 10.95 19.69
CA GLY A 195 -2.46 11.19 20.15
C GLY A 195 -2.04 10.17 21.21
N THR A 196 -0.73 10.12 21.45
CA THR A 196 -0.24 9.23 22.51
C THR A 196 -0.74 9.67 23.89
N ASP A 197 -1.16 10.93 24.03
CA ASP A 197 -1.71 11.39 25.31
C ASP A 197 -3.11 10.85 25.56
N GLN A 198 -3.86 10.55 24.49
CA GLN A 198 -5.23 10.09 24.60
C GLN A 198 -5.33 8.57 24.76
N THR A 199 -4.24 7.91 25.14
CA THR A 199 -4.24 6.45 25.18
C THR A 199 -5.38 5.92 26.06
N PHE A 200 -5.41 6.36 27.31
CA PHE A 200 -6.45 5.95 28.26
C PHE A 200 -7.83 6.06 27.63
N ASN A 201 -8.13 7.21 27.04
CA ASN A 201 -9.46 7.41 26.51
C ASN A 201 -9.76 6.48 25.33
N LEU A 202 -8.77 6.22 24.46
CA LEU A 202 -9.03 5.31 23.35
C LEU A 202 -9.31 3.90 23.86
N LEU A 203 -8.56 3.44 24.86
CA LEU A 203 -8.83 2.13 25.44
C LEU A 203 -10.21 2.07 26.09
N MET A 204 -10.77 3.21 26.49
CA MET A 204 -12.11 3.17 27.06
C MET A 204 -13.12 2.63 26.06
N GLY A 205 -13.03 3.06 24.80
CA GLY A 205 -13.97 2.59 23.80
C GLY A 205 -13.81 1.12 23.50
N ARG A 206 -12.57 0.67 23.32
CA ARG A 206 -12.30 -0.76 23.20
C ARG A 206 -12.89 -1.54 24.39
N THR A 207 -12.70 -1.03 25.60
CA THR A 207 -13.23 -1.74 26.77
C THR A 207 -14.76 -1.75 26.76
N LEU A 208 -15.38 -0.58 26.56
CA LEU A 208 -16.83 -0.51 26.69
C LEU A 208 -17.54 -1.29 25.58
N GLN A 209 -16.92 -1.38 24.39
CA GLN A 209 -17.50 -2.16 23.31
C GLN A 209 -17.69 -3.61 23.73
N SER A 210 -16.67 -4.20 24.38
CA SER A 210 -16.79 -5.57 24.86
C SER A 210 -17.90 -5.70 25.89
N ARG A 211 -17.95 -4.77 26.84
CA ARG A 211 -19.00 -4.80 27.86
C ARG A 211 -20.40 -4.70 27.26
N TYR A 212 -20.54 -4.12 26.08
CA TYR A 212 -21.83 -4.00 25.43
C TYR A 212 -22.07 -5.08 24.38
N GLY A 213 -21.21 -6.10 24.32
CA GLY A 213 -21.37 -7.18 23.35
C GLY A 213 -21.02 -6.86 21.93
N GLN A 214 -20.18 -5.83 21.70
CA GLN A 214 -19.67 -5.50 20.37
C GLN A 214 -18.26 -6.02 20.20
N GLU A 215 -17.90 -6.32 18.95
CA GLU A 215 -16.49 -6.48 18.60
C GLU A 215 -15.72 -5.21 18.95
N SER A 216 -14.57 -5.38 19.61
CA SER A 216 -13.79 -4.25 20.10
C SER A 216 -13.01 -3.55 18.99
N GLN A 217 -12.75 -2.26 19.18
CA GLN A 217 -11.95 -1.51 18.23
C GLN A 217 -10.47 -1.68 18.52
N VAL A 218 -9.68 -1.56 17.47
CA VAL A 218 -8.23 -1.41 17.58
C VAL A 218 -7.94 0.06 17.91
N CYS A 219 -7.02 0.28 18.84
CA CYS A 219 -6.62 1.62 19.23
C CYS A 219 -5.25 1.93 18.67
N ILE A 220 -5.13 3.05 17.96
CA ILE A 220 -3.88 3.45 17.31
C ILE A 220 -3.51 4.86 17.76
N THR A 221 -2.32 5.01 18.33
CA THR A 221 -1.80 6.30 18.76
C THR A 221 -0.67 6.73 17.83
N VAL A 222 -0.66 8.01 17.49
CA VAL A 222 0.44 8.61 16.75
C VAL A 222 0.98 9.80 17.55
N PRO A 223 2.28 10.10 17.47
CA PRO A 223 2.81 11.28 18.16
C PRO A 223 2.23 12.57 17.57
N ILE A 224 1.69 13.41 18.45
CA ILE A 224 1.09 14.69 18.07
C ILE A 224 2.12 15.78 18.32
N LEU A 225 2.83 16.19 17.27
CA LEU A 225 3.87 17.22 17.38
C LEU A 225 3.25 18.57 17.71
N HIS B 7 -6.96 8.32 -4.92
CA HIS B 7 -7.24 7.69 -6.21
C HIS B 7 -6.05 6.87 -6.73
N HIS B 8 -4.87 7.18 -6.19
CA HIS B 8 -3.61 6.51 -6.49
C HIS B 8 -2.74 6.78 -5.26
N LEU B 9 -2.18 5.74 -4.65
CA LEU B 9 -1.49 5.90 -3.37
C LEU B 9 -0.30 6.85 -3.48
N PRO B 10 0.05 7.53 -2.38
CA PRO B 10 1.27 8.36 -2.37
C PRO B 10 2.50 7.56 -2.76
N ALA B 11 3.51 8.27 -3.25
CA ALA B 11 4.64 7.58 -3.86
C ALA B 11 5.47 6.83 -2.83
N GLU B 12 5.70 7.44 -1.67
CA GLU B 12 6.53 6.79 -0.67
C GLU B 12 5.87 5.52 -0.16
N GLU B 13 4.53 5.49 -0.11
CA GLU B 13 3.84 4.29 0.34
C GLU B 13 3.95 3.17 -0.70
N GLN B 14 3.79 3.50 -1.98
CA GLN B 14 3.99 2.49 -3.02
C GLN B 14 5.41 1.93 -2.97
N LEU B 15 6.40 2.83 -2.87
CA LEU B 15 7.80 2.40 -2.72
C LEU B 15 7.94 1.34 -1.62
N ALA B 16 7.39 1.64 -0.44
CA ALA B 16 7.46 0.71 0.68
C ALA B 16 6.90 -0.65 0.31
N LEU B 17 5.78 -0.69 -0.44
CA LEU B 17 5.20 -1.98 -0.79
C LEU B 17 5.99 -2.65 -1.91
N ILE B 18 6.40 -1.87 -2.91
CA ILE B 18 7.17 -2.41 -4.03
C ILE B 18 8.47 -3.05 -3.55
N GLN B 19 9.17 -2.41 -2.62
CA GLN B 19 10.53 -2.87 -2.32
C GLN B 19 10.58 -4.03 -1.33
N ARG B 20 9.49 -4.31 -0.63
CA ARG B 20 9.48 -5.45 0.28
C ARG B 20 9.74 -6.73 -0.50
N GLY B 21 10.69 -7.53 -0.05
CA GLY B 21 10.96 -8.81 -0.67
C GLY B 21 11.82 -8.76 -1.92
N THR B 22 12.23 -7.58 -2.37
CA THR B 22 13.12 -7.46 -3.51
C THR B 22 14.57 -7.54 -3.09
N HIS B 23 15.40 -8.03 -4.01
CA HIS B 23 16.83 -8.10 -3.77
C HIS B 23 17.54 -6.81 -4.14
N GLU B 24 17.07 -6.13 -5.18
CA GLU B 24 17.81 -5.03 -5.78
C GLU B 24 16.84 -4.23 -6.63
N ILE B 25 16.99 -2.91 -6.63
CA ILE B 25 16.17 -2.02 -7.43
C ILE B 25 17.16 -1.05 -8.06
N ILE B 26 17.44 -1.23 -9.36
CA ILE B 26 18.44 -0.38 -9.99
C ILE B 26 17.81 0.97 -10.24
N SER B 27 18.12 1.90 -9.34
CA SER B 27 17.69 3.28 -9.23
C SER B 27 16.40 3.35 -8.41
N GLU B 28 16.54 3.26 -7.09
CA GLU B 28 15.46 3.68 -6.22
C GLU B 28 15.06 5.12 -6.54
N GLU B 29 16.04 5.97 -6.87
CA GLU B 29 15.74 7.35 -7.25
C GLU B 29 14.78 7.41 -8.42
N ASP B 30 15.04 6.64 -9.48
CA ASP B 30 14.19 6.74 -10.67
C ASP B 30 12.81 6.12 -10.46
N LEU B 31 12.71 5.11 -9.58
CA LEU B 31 11.40 4.55 -9.30
C LEU B 31 10.52 5.55 -8.53
N LEU B 32 11.10 6.27 -7.57
CA LEU B 32 10.31 7.26 -6.87
C LEU B 32 9.85 8.37 -7.80
N LYS B 33 10.75 8.82 -8.70
CA LYS B 33 10.36 9.84 -9.68
C LYS B 33 9.22 9.34 -10.57
N LYS B 34 9.26 8.07 -10.97
CA LYS B 34 8.14 7.50 -11.74
C LYS B 34 6.86 7.44 -10.91
N LEU B 35 6.95 6.98 -9.66
CA LEU B 35 5.76 6.90 -8.82
C LEU B 35 5.13 8.28 -8.62
N LYS B 36 5.97 9.32 -8.50
CA LYS B 36 5.48 10.68 -8.28
C LYS B 36 4.82 11.28 -9.52
N GLU B 37 4.94 10.64 -10.68
CA GLU B 37 4.25 11.13 -11.86
C GLU B 37 2.76 10.83 -11.82
N ASN B 38 2.32 9.97 -10.91
CA ASN B 38 0.91 9.79 -10.63
C ASN B 38 0.16 9.18 -11.82
N ARG B 39 0.78 8.20 -12.46
CA ARG B 39 0.22 7.55 -13.64
C ARG B 39 0.46 6.05 -13.53
N PRO B 40 -0.36 5.25 -14.21
CA PRO B 40 -0.07 3.80 -14.27
C PRO B 40 1.23 3.53 -15.01
N LEU B 41 2.16 2.87 -14.31
CA LEU B 41 3.43 2.50 -14.89
C LEU B 41 3.31 1.18 -15.64
N LYS B 42 4.09 1.05 -16.73
CA LYS B 42 4.10 -0.15 -17.55
C LYS B 42 5.11 -1.12 -16.98
N ILE B 43 4.62 -2.26 -16.47
CA ILE B 43 5.45 -3.25 -15.79
C ILE B 43 5.65 -4.42 -16.74
N LYS B 44 6.91 -4.74 -17.03
CA LYS B 44 7.26 -5.81 -17.94
C LYS B 44 7.76 -6.99 -17.12
N ALA B 45 7.17 -8.16 -17.36
CA ALA B 45 7.66 -9.42 -16.80
C ALA B 45 7.70 -10.45 -17.93
N GLY B 46 8.91 -10.85 -18.33
CA GLY B 46 9.09 -11.74 -19.46
C GLY B 46 9.37 -13.17 -19.05
N PHE B 47 8.87 -14.10 -19.85
CA PHE B 47 9.04 -15.52 -19.57
C PHE B 47 9.40 -16.27 -20.84
N ASP B 48 10.25 -17.30 -20.68
CA ASP B 48 10.70 -18.18 -21.76
C ASP B 48 9.75 -19.36 -21.89
N PRO B 49 9.18 -19.58 -23.07
CA PRO B 49 8.10 -20.58 -23.19
C PRO B 49 8.55 -21.99 -23.53
N THR B 50 9.80 -22.37 -23.27
CA THR B 50 10.23 -23.73 -23.58
C THR B 50 9.78 -24.73 -22.51
N ALA B 51 9.48 -24.24 -21.20
CA ALA B 51 9.07 -25.14 -20.13
C ALA B 51 7.56 -25.38 -20.17
N PRO B 52 7.10 -26.58 -19.79
CA PRO B 52 5.65 -26.83 -19.73
C PRO B 52 4.93 -26.07 -18.62
N ASP B 53 5.65 -25.59 -17.61
CA ASP B 53 5.01 -24.79 -16.57
C ASP B 53 6.03 -23.83 -15.96
N LEU B 54 5.54 -22.79 -15.32
CA LEU B 54 6.38 -21.97 -14.46
C LEU B 54 6.48 -22.67 -13.12
N HIS B 55 7.70 -22.84 -12.61
CA HIS B 55 7.84 -23.55 -11.35
C HIS B 55 7.30 -22.69 -10.20
N LEU B 56 7.11 -23.34 -9.04
CA LEU B 56 6.49 -22.69 -7.89
C LEU B 56 7.35 -21.60 -7.28
N GLY B 57 8.62 -21.50 -7.68
CA GLY B 57 9.50 -20.46 -7.17
C GLY B 57 9.28 -19.09 -7.78
N HIS B 58 8.53 -19.01 -8.88
CA HIS B 58 8.11 -17.73 -9.44
C HIS B 58 7.06 -17.02 -8.59
N THR B 59 6.71 -17.54 -7.41
CA THR B 59 5.53 -17.08 -6.69
C THR B 59 5.70 -15.66 -6.17
N VAL B 60 6.83 -15.37 -5.50
CA VAL B 60 7.06 -14.01 -5.04
C VAL B 60 7.14 -13.05 -6.22
N LEU B 61 7.71 -13.49 -7.34
CA LEU B 61 7.71 -12.68 -8.57
C LEU B 61 6.29 -12.35 -9.01
N ILE B 62 5.42 -13.35 -9.05
CA ILE B 62 4.04 -13.11 -9.46
C ILE B 62 3.29 -12.30 -8.39
N ASN B 63 3.56 -12.56 -7.11
CA ASN B 63 2.96 -11.74 -6.06
C ASN B 63 3.41 -10.29 -6.18
N LYS B 64 4.66 -10.07 -6.58
CA LYS B 64 5.13 -8.70 -6.76
C LYS B 64 4.42 -8.02 -7.94
N LEU B 65 4.18 -8.76 -9.02
CA LEU B 65 3.36 -8.22 -10.11
C LEU B 65 1.97 -7.88 -9.60
N LYS B 66 1.42 -8.71 -8.70
CA LYS B 66 0.11 -8.46 -8.12
C LYS B 66 0.09 -7.15 -7.33
N THR B 67 1.15 -6.92 -6.54
CA THR B 67 1.31 -5.65 -5.83
C THR B 67 1.26 -4.46 -6.77
N PHE B 68 2.07 -4.49 -7.83
CA PHE B 68 2.00 -3.41 -8.82
C PHE B 68 0.59 -3.26 -9.36
N GLN B 69 -0.07 -4.39 -9.63
CA GLN B 69 -1.39 -4.34 -10.24
C GLN B 69 -2.42 -3.76 -9.28
N ASP B 70 -2.35 -4.15 -8.00
CA ASP B 70 -3.23 -3.57 -6.98
C ASP B 70 -2.96 -2.08 -6.75
N LEU B 71 -1.76 -1.59 -7.06
CA LEU B 71 -1.47 -0.16 -7.00
C LEU B 71 -1.91 0.59 -8.26
N GLY B 72 -2.55 -0.09 -9.21
CA GLY B 72 -3.08 0.53 -10.40
C GLY B 72 -2.17 0.56 -11.61
N HIS B 73 -1.00 -0.07 -11.55
CA HIS B 73 -0.08 -0.09 -12.68
C HIS B 73 -0.43 -1.23 -13.64
N GLU B 74 0.14 -1.16 -14.84
CA GLU B 74 -0.24 -1.99 -15.97
C GLU B 74 0.81 -3.06 -16.19
N VAL B 75 0.47 -4.30 -15.82
CA VAL B 75 1.38 -5.43 -16.00
C VAL B 75 1.20 -6.01 -17.39
N THR B 76 2.32 -6.14 -18.11
CA THR B 76 2.39 -6.93 -19.32
C THR B 76 3.07 -8.24 -18.97
N PHE B 77 2.35 -9.33 -19.18
CA PHE B 77 2.92 -10.67 -19.11
C PHE B 77 3.46 -11.01 -20.51
N LEU B 78 4.78 -11.06 -20.64
CA LEU B 78 5.42 -11.11 -21.95
C LEU B 78 6.01 -12.48 -22.20
N ILE B 79 5.63 -13.08 -23.32
CA ILE B 79 6.12 -14.39 -23.74
C ILE B 79 7.25 -14.15 -24.73
N GLY B 80 8.46 -14.57 -24.37
CA GLY B 80 9.58 -14.42 -25.26
C GLY B 80 9.64 -15.55 -26.28
N ASP B 81 8.74 -15.56 -27.26
CA ASP B 81 8.68 -16.67 -28.19
C ASP B 81 9.59 -16.50 -29.39
N TYR B 82 10.07 -15.29 -29.65
CA TYR B 82 10.73 -14.98 -30.91
C TYR B 82 12.03 -15.76 -31.08
N THR B 83 12.87 -15.76 -30.05
CA THR B 83 14.14 -16.47 -30.11
C THR B 83 13.93 -17.97 -30.04
N ALA B 84 12.93 -18.41 -29.27
CA ALA B 84 12.72 -19.84 -29.05
C ALA B 84 12.33 -20.54 -30.35
N MET B 85 11.71 -19.82 -31.28
CA MET B 85 11.21 -20.41 -32.52
C MET B 85 12.21 -20.36 -33.67
N ILE B 86 13.48 -20.05 -33.40
CA ILE B 86 14.47 -19.87 -34.46
C ILE B 86 15.38 -21.09 -34.45
N GLY B 87 15.29 -21.89 -35.50
CA GLY B 87 16.09 -23.09 -35.60
C GLY B 87 17.41 -22.86 -36.30
N ASP B 88 18.23 -23.91 -36.30
CA ASP B 88 19.49 -23.89 -37.02
C ASP B 88 19.22 -23.91 -38.54
N PRO B 89 20.11 -23.34 -39.33
CA PRO B 89 19.90 -23.31 -40.79
C PRO B 89 20.03 -24.69 -41.41
N THR B 90 18.98 -25.13 -42.09
CA THR B 90 18.97 -26.40 -42.81
C THR B 90 20.06 -26.46 -43.86
N THR B 95 20.57 -31.50 -36.60
CA THR B 95 20.47 -30.55 -35.51
C THR B 95 19.09 -30.59 -34.87
N ARG B 96 19.01 -30.15 -33.61
CA ARG B 96 17.76 -30.17 -32.87
C ARG B 96 16.83 -29.06 -33.37
N PRO B 97 15.52 -29.23 -33.21
CA PRO B 97 14.57 -28.23 -33.73
C PRO B 97 14.21 -27.19 -32.68
N PRO B 98 13.63 -26.05 -33.10
CA PRO B 98 13.10 -25.09 -32.13
C PRO B 98 11.69 -25.44 -31.69
N LEU B 99 11.07 -24.52 -30.96
CA LEU B 99 9.66 -24.62 -30.60
C LEU B 99 8.78 -24.23 -31.78
N SER B 100 7.77 -25.03 -32.06
CA SER B 100 6.79 -24.63 -33.05
C SER B 100 5.87 -23.54 -32.49
N ARG B 101 5.14 -22.90 -33.40
CA ARG B 101 4.05 -22.01 -32.99
C ARG B 101 3.08 -22.75 -32.08
N GLU B 102 2.80 -24.02 -32.39
CA GLU B 102 1.84 -24.78 -31.61
C GLU B 102 2.35 -25.06 -30.20
N GLN B 103 3.66 -25.24 -30.03
CA GLN B 103 4.18 -25.44 -28.68
C GLN B 103 4.17 -24.14 -27.88
N VAL B 104 4.51 -23.02 -28.52
CA VAL B 104 4.45 -21.72 -27.84
C VAL B 104 3.05 -21.45 -27.31
N GLU B 105 2.05 -21.57 -28.19
CA GLU B 105 0.67 -21.31 -27.80
C GLU B 105 0.21 -22.29 -26.73
N ALA B 106 0.58 -23.57 -26.85
CA ALA B 106 0.17 -24.53 -25.84
C ALA B 106 0.82 -24.23 -24.50
N ASN B 107 2.12 -23.96 -24.50
CA ASN B 107 2.81 -23.67 -23.25
C ASN B 107 2.33 -22.34 -22.66
N ALA B 108 2.11 -21.34 -23.50
CA ALA B 108 1.70 -20.04 -23.00
C ALA B 108 0.34 -20.11 -22.34
N LYS B 109 -0.56 -20.95 -22.88
CA LYS B 109 -1.88 -21.06 -22.27
C LYS B 109 -1.79 -21.68 -20.88
N THR B 110 -0.87 -22.62 -20.68
CA THR B 110 -0.67 -23.17 -19.34
C THR B 110 -0.15 -22.13 -18.38
N TYR B 111 0.72 -21.23 -18.85
CA TYR B 111 1.22 -20.16 -17.99
C TYR B 111 0.09 -19.23 -17.57
N GLN B 112 -0.77 -18.85 -18.52
CA GLN B 112 -1.87 -17.93 -18.24
C GLN B 112 -2.82 -18.50 -17.22
N GLU B 113 -3.19 -19.78 -17.35
CA GLU B 113 -4.06 -20.40 -16.36
C GLU B 113 -3.37 -20.40 -14.99
N GLN B 114 -2.05 -20.59 -14.98
CA GLN B 114 -1.32 -20.49 -13.71
C GLN B 114 -1.38 -19.09 -13.11
N VAL B 115 -0.89 -18.09 -13.85
CA VAL B 115 -0.71 -16.77 -13.24
C VAL B 115 -2.03 -16.06 -13.00
N PHE B 116 -3.11 -16.44 -13.69
CA PHE B 116 -4.39 -15.80 -13.48
C PHE B 116 -5.16 -16.41 -12.31
N LYS B 117 -4.53 -17.33 -11.58
CA LYS B 117 -4.92 -17.58 -10.20
C LYS B 117 -4.69 -16.34 -9.35
N ILE B 118 -3.60 -15.61 -9.64
CA ILE B 118 -3.16 -14.50 -8.81
C ILE B 118 -3.60 -13.18 -9.44
N LEU B 119 -3.14 -12.94 -10.66
CA LEU B 119 -3.40 -11.68 -11.31
C LEU B 119 -4.80 -11.68 -11.90
N ASP B 120 -5.27 -10.48 -12.24
CA ASP B 120 -6.59 -10.30 -12.81
C ASP B 120 -6.45 -10.19 -14.32
N PRO B 121 -7.08 -11.07 -15.10
CA PRO B 121 -6.84 -11.04 -16.55
C PRO B 121 -7.45 -9.84 -17.25
N ASN B 122 -8.46 -9.17 -16.66
CA ASN B 122 -8.96 -7.95 -17.29
C ASN B 122 -8.10 -6.74 -16.97
N LYS B 123 -7.02 -6.93 -16.23
CA LYS B 123 -6.07 -5.88 -15.94
C LYS B 123 -4.69 -6.20 -16.46
N THR B 124 -4.48 -7.39 -17.01
CA THR B 124 -3.17 -7.85 -17.46
C THR B 124 -3.14 -7.95 -18.98
N LYS B 125 -2.01 -7.57 -19.57
CA LYS B 125 -1.79 -7.73 -20.99
C LYS B 125 -0.87 -8.92 -21.22
N VAL B 126 -1.27 -9.82 -22.10
CA VAL B 126 -0.42 -10.92 -22.50
C VAL B 126 0.13 -10.61 -23.89
N ARG B 127 1.45 -10.54 -24.01
CA ARG B 127 2.05 -10.24 -25.31
C ARG B 127 3.17 -11.22 -25.65
N PHE B 128 3.38 -11.41 -26.95
CA PHE B 128 4.46 -12.26 -27.48
C PHE B 128 5.44 -11.36 -28.22
N ASN B 129 6.71 -11.40 -27.84
CA ASN B 129 7.62 -10.47 -28.50
C ASN B 129 7.82 -10.76 -29.98
N SER B 130 7.43 -11.94 -30.47
CA SER B 130 7.38 -12.12 -31.93
C SER B 130 6.46 -11.10 -32.59
N GLU B 131 5.52 -10.54 -31.84
CA GLU B 131 4.57 -9.59 -32.40
C GLU B 131 5.27 -8.41 -33.06
N TRP B 132 6.40 -7.96 -32.51
CA TRP B 132 7.16 -6.91 -33.17
C TRP B 132 8.42 -7.42 -33.85
N PHE B 133 9.10 -8.41 -33.27
CA PHE B 133 10.38 -8.83 -33.84
C PHE B 133 10.24 -9.58 -35.16
N ASN B 134 9.05 -10.12 -35.46
CA ASN B 134 8.84 -10.77 -36.74
C ASN B 134 8.86 -9.78 -37.90
N GLN B 135 8.64 -8.50 -37.61
CA GLN B 135 8.67 -7.43 -38.60
C GLN B 135 10.00 -6.70 -38.65
N LYS B 136 10.96 -7.04 -37.79
CA LYS B 136 12.25 -6.39 -37.83
C LYS B 136 13.11 -6.98 -38.95
N SER B 137 13.94 -6.14 -39.54
CA SER B 137 14.83 -6.60 -40.59
C SER B 137 16.20 -6.95 -40.03
N ALA B 138 17.03 -7.55 -40.89
CA ALA B 138 18.43 -7.76 -40.53
C ALA B 138 19.12 -6.44 -40.25
N ALA B 139 18.75 -5.37 -40.95
CA ALA B 139 19.37 -4.07 -40.70
C ALA B 139 18.94 -3.49 -39.35
N ASP B 140 17.69 -3.71 -38.94
CA ASP B 140 17.27 -3.28 -37.59
C ASP B 140 18.09 -3.98 -36.51
N LEU B 141 18.47 -5.25 -36.74
CA LEU B 141 19.21 -5.98 -35.73
C LEU B 141 20.67 -5.58 -35.70
N ILE B 142 21.24 -5.29 -36.87
CA ILE B 142 22.58 -4.72 -36.92
C ILE B 142 22.63 -3.40 -36.15
N GLN B 143 21.61 -2.56 -36.34
CA GLN B 143 21.57 -1.28 -35.63
C GLN B 143 21.57 -1.50 -34.13
N LEU B 144 20.74 -2.44 -33.68
CA LEU B 144 20.67 -2.79 -32.27
C LEU B 144 22.00 -3.33 -31.77
N ALA B 145 22.65 -4.19 -32.56
CA ALA B 145 23.90 -4.78 -32.13
C ALA B 145 25.03 -3.75 -32.08
N SER B 146 24.90 -2.63 -32.78
CA SER B 146 25.91 -1.58 -32.69
C SER B 146 25.92 -0.88 -31.34
N GLN B 147 24.91 -1.10 -30.49
CA GLN B 147 24.72 -0.35 -29.26
C GLN B 147 25.40 -0.99 -28.06
N GLN B 148 26.04 -2.14 -28.24
CA GLN B 148 26.69 -2.84 -27.15
C GLN B 148 28.02 -3.39 -27.65
N THR B 149 28.96 -3.58 -26.74
CA THR B 149 30.31 -4.02 -27.08
C THR B 149 30.54 -5.47 -26.65
N VAL B 150 31.52 -6.09 -27.31
CA VAL B 150 31.84 -7.50 -27.07
C VAL B 150 32.27 -7.71 -25.64
N SER B 151 33.20 -6.88 -25.15
CA SER B 151 33.72 -7.07 -23.80
C SER B 151 32.63 -6.88 -22.74
N ARG B 152 31.64 -6.04 -23.02
CA ARG B 152 30.55 -5.88 -22.06
C ARG B 152 29.64 -7.10 -22.06
N MET B 153 29.39 -7.66 -23.24
CA MET B 153 28.57 -8.87 -23.32
C MET B 153 29.26 -10.04 -22.63
N LEU B 154 30.59 -10.07 -22.66
CA LEU B 154 31.35 -11.13 -22.01
C LEU B 154 31.43 -10.97 -20.50
N GLU B 155 30.85 -9.91 -19.95
CA GLU B 155 30.79 -9.79 -18.51
C GLU B 155 29.61 -10.55 -17.90
N ARG B 156 28.64 -10.98 -18.71
CA ARG B 156 27.59 -11.83 -18.16
C ARG B 156 28.22 -13.09 -17.62
N ASP B 157 27.87 -13.43 -16.37
CA ASP B 157 28.63 -14.41 -15.60
C ASP B 157 28.72 -15.76 -16.30
N ASP B 158 27.68 -16.17 -17.03
CA ASP B 158 27.75 -17.44 -17.74
C ASP B 158 28.68 -17.35 -18.96
N PHE B 159 28.68 -16.21 -19.65
CA PHE B 159 29.63 -16.00 -20.74
C PHE B 159 31.06 -15.99 -20.22
N THR B 160 31.29 -15.32 -19.09
CA THR B 160 32.63 -15.25 -18.54
C THR B 160 33.20 -16.65 -18.27
N LYS B 161 32.38 -17.53 -17.69
CA LYS B 161 32.86 -18.87 -17.33
C LYS B 161 33.18 -19.70 -18.55
N ARG B 162 32.29 -19.71 -19.54
CA ARG B 162 32.54 -20.48 -20.75
C ARG B 162 33.74 -19.95 -21.51
N TYR B 163 33.88 -18.63 -21.59
CA TYR B 163 34.97 -18.03 -22.36
C TYR B 163 36.33 -18.36 -21.75
N ASN B 164 36.43 -18.31 -20.43
CA ASN B 164 37.68 -18.61 -19.76
C ASN B 164 37.97 -20.11 -19.74
N ASN B 165 36.94 -20.94 -19.86
CA ASN B 165 37.11 -22.38 -20.00
C ASN B 165 37.24 -22.80 -21.45
N HIS B 166 37.34 -21.86 -22.37
CA HIS B 166 37.49 -22.13 -23.80
C HIS B 166 36.32 -22.96 -24.33
N GLN B 167 35.13 -22.66 -23.84
CA GLN B 167 34.03 -23.35 -24.48
C GLN B 167 33.32 -22.42 -25.45
N PRO B 168 32.88 -22.96 -26.60
CA PRO B 168 32.33 -22.11 -27.65
C PRO B 168 31.08 -21.36 -27.24
N ILE B 169 31.06 -20.07 -27.57
CA ILE B 169 29.90 -19.18 -27.44
C ILE B 169 29.50 -18.76 -28.85
N ALA B 170 28.39 -19.27 -29.35
CA ALA B 170 27.91 -18.86 -30.68
C ALA B 170 27.46 -17.40 -30.66
N ILE B 171 27.65 -16.72 -31.79
CA ILE B 171 27.50 -15.27 -31.80
C ILE B 171 26.05 -14.86 -31.54
N HIS B 172 25.08 -15.60 -32.07
CA HIS B 172 23.69 -15.23 -31.85
C HIS B 172 23.31 -15.20 -30.36
N GLU B 173 24.10 -15.84 -29.50
CA GLU B 173 23.86 -15.79 -28.06
C GLU B 173 24.14 -14.41 -27.53
N PHE B 174 25.07 -13.67 -28.15
CA PHE B 174 25.27 -12.27 -27.82
C PHE B 174 24.11 -11.41 -28.27
N LEU B 175 23.27 -11.91 -29.17
CA LEU B 175 22.13 -11.15 -29.65
C LEU B 175 20.87 -11.33 -28.81
N TYR B 176 20.77 -12.44 -28.08
CA TYR B 176 19.57 -12.72 -27.27
C TYR B 176 19.33 -11.66 -26.20
N PRO B 177 20.31 -11.23 -25.41
CA PRO B 177 20.03 -10.14 -24.46
C PRO B 177 19.64 -8.85 -25.14
N LEU B 178 20.01 -8.66 -26.41
CA LEU B 178 19.61 -7.45 -27.13
C LEU B 178 18.18 -7.54 -27.62
N VAL B 179 17.69 -8.75 -27.89
CA VAL B 179 16.26 -8.93 -28.11
C VAL B 179 15.47 -8.58 -26.85
N GLN B 180 15.96 -9.03 -25.69
CA GLN B 180 15.25 -8.76 -24.44
C GLN B 180 15.26 -7.27 -24.14
N GLY B 181 16.38 -6.60 -24.40
CA GLY B 181 16.44 -5.16 -24.19
C GLY B 181 15.48 -4.41 -25.09
N TYR B 182 15.49 -4.73 -26.37
CA TYR B 182 14.58 -4.04 -27.29
C TYR B 182 13.12 -4.19 -26.85
N ASP B 183 12.77 -5.33 -26.28
CA ASP B 183 11.38 -5.56 -25.85
C ASP B 183 10.93 -4.50 -24.85
N SER B 184 11.84 -4.04 -23.97
CA SER B 184 11.54 -2.89 -23.09
C SER B 184 11.18 -1.66 -23.91
N ILE B 185 11.89 -1.43 -25.01
CA ILE B 185 11.63 -0.26 -25.85
C ILE B 185 10.26 -0.37 -26.50
N ALA B 186 9.96 -1.54 -27.05
CA ALA B 186 8.68 -1.75 -27.72
C ALA B 186 7.52 -1.71 -26.74
N LEU B 187 7.75 -2.08 -25.48
CA LEU B 187 6.71 -1.97 -24.45
C LEU B 187 6.71 -0.63 -23.73
N GLU B 188 7.69 0.24 -23.99
CA GLU B 188 7.88 1.47 -23.22
C GLU B 188 7.88 1.15 -21.73
N ALA B 189 8.66 0.13 -21.36
CA ALA B 189 8.62 -0.41 -20.01
C ALA B 189 9.08 0.63 -18.99
N ASP B 190 8.25 0.86 -17.96
CA ASP B 190 8.68 1.69 -16.85
C ASP B 190 9.50 0.89 -15.84
N VAL B 191 9.12 -0.37 -15.65
CA VAL B 191 9.70 -1.27 -14.66
C VAL B 191 9.84 -2.65 -15.30
N GLU B 192 10.95 -3.34 -15.03
CA GLU B 192 11.10 -4.72 -15.46
C GLU B 192 11.49 -5.56 -14.26
N LEU B 193 10.81 -6.68 -14.07
CA LEU B 193 11.02 -7.59 -12.95
C LEU B 193 11.63 -8.89 -13.45
N GLY B 194 12.55 -9.44 -12.67
CA GLY B 194 13.04 -10.78 -12.91
C GLY B 194 13.76 -11.30 -11.69
N GLY B 195 14.25 -12.53 -11.80
CA GLY B 195 15.06 -13.11 -10.75
C GLY B 195 16.44 -12.50 -10.69
N THR B 196 17.13 -12.73 -9.57
CA THR B 196 18.46 -12.20 -9.40
C THR B 196 19.43 -12.71 -10.48
N ASP B 197 19.21 -13.92 -10.99
CA ASP B 197 20.10 -14.44 -12.04
C ASP B 197 19.93 -13.71 -13.36
N GLN B 198 18.85 -12.95 -13.53
CA GLN B 198 18.55 -12.26 -14.78
CA GLN B 198 18.52 -12.26 -14.77
C GLN B 198 18.96 -10.79 -14.75
N THR B 199 19.83 -10.41 -13.82
CA THR B 199 20.14 -9.01 -13.60
C THR B 199 20.75 -8.35 -14.83
N PHE B 200 21.79 -8.98 -15.40
CA PHE B 200 22.42 -8.48 -16.63
C PHE B 200 21.38 -8.22 -17.71
N ASN B 201 20.50 -9.19 -17.95
CA ASN B 201 19.50 -9.02 -19.01
C ASN B 201 18.58 -7.84 -18.73
N LEU B 202 18.20 -7.64 -17.46
CA LEU B 202 17.29 -6.54 -17.15
C LEU B 202 17.96 -5.20 -17.38
N LEU B 203 19.22 -5.07 -16.97
CA LEU B 203 19.98 -3.85 -17.23
C LEU B 203 20.13 -3.57 -18.72
N MET B 204 20.03 -4.58 -19.57
CA MET B 204 20.16 -4.34 -21.01
C MET B 204 19.06 -3.42 -21.51
N GLY B 205 17.81 -3.69 -21.09
CA GLY B 205 16.69 -2.87 -21.53
C GLY B 205 16.83 -1.43 -21.08
N ARG B 206 17.19 -1.23 -19.81
CA ARG B 206 17.38 0.13 -19.32
C ARG B 206 18.53 0.84 -20.06
N THR B 207 19.63 0.12 -20.31
CA THR B 207 20.71 0.72 -21.10
C THR B 207 20.22 1.06 -22.51
N LEU B 208 19.52 0.12 -23.14
CA LEU B 208 19.16 0.32 -24.54
C LEU B 208 18.11 1.41 -24.70
N GLN B 209 17.14 1.48 -23.78
CA GLN B 209 16.15 2.55 -23.85
C GLN B 209 16.84 3.91 -23.87
N SER B 210 17.81 4.10 -22.98
CA SER B 210 18.50 5.39 -22.91
C SER B 210 19.28 5.67 -24.18
N ARG B 211 19.84 4.64 -24.80
CA ARG B 211 20.53 4.82 -26.07
C ARG B 211 19.58 4.95 -27.25
N TYR B 212 18.31 4.58 -27.10
CA TYR B 212 17.32 4.81 -28.14
C TYR B 212 16.47 6.08 -27.90
N GLY B 213 16.84 6.91 -26.91
CA GLY B 213 16.12 8.15 -26.64
C GLY B 213 14.96 8.05 -25.66
N GLN B 214 14.60 6.85 -25.20
CA GLN B 214 13.51 6.68 -24.24
C GLN B 214 14.01 6.88 -22.81
N GLU B 215 13.10 7.32 -21.94
CA GLU B 215 13.30 7.16 -20.52
C GLU B 215 13.52 5.70 -20.17
N SER B 216 14.51 5.44 -19.32
CA SER B 216 14.93 4.07 -19.03
C SER B 216 14.05 3.43 -17.95
N GLN B 217 13.89 2.12 -18.06
CA GLN B 217 13.11 1.40 -17.06
C GLN B 217 13.89 1.25 -15.75
N VAL B 218 13.14 1.09 -14.68
CA VAL B 218 13.67 0.61 -13.41
C VAL B 218 13.75 -0.92 -13.48
N CYS B 219 14.85 -1.47 -12.97
CA CYS B 219 15.05 -2.91 -12.94
C CYS B 219 14.88 -3.41 -11.51
N ILE B 220 14.06 -4.44 -11.34
CA ILE B 220 13.79 -5.00 -10.02
C ILE B 220 14.01 -6.51 -10.05
N THR B 221 14.90 -7.01 -9.21
CA THR B 221 15.12 -8.44 -9.07
C THR B 221 14.53 -8.95 -7.76
N VAL B 222 14.04 -10.17 -7.81
CA VAL B 222 13.54 -10.90 -6.64
C VAL B 222 14.17 -12.29 -6.65
N PRO B 223 14.37 -12.92 -5.50
CA PRO B 223 14.87 -14.29 -5.50
C PRO B 223 13.86 -15.25 -6.12
N ILE B 224 14.32 -16.04 -7.09
CA ILE B 224 13.54 -17.11 -7.71
C ILE B 224 14.10 -18.43 -7.20
N LEU B 225 13.27 -19.18 -6.48
CA LEU B 225 13.73 -20.41 -5.84
C LEU B 225 13.05 -21.64 -6.46
N TYR C . -12.10 13.96 24.40
CA TYR C . -11.21 14.07 23.25
C TYR C . -10.20 15.18 23.47
O TYR C . -10.09 15.75 24.60
CB TYR C . -11.95 14.37 21.97
CG TYR C . -12.97 13.30 21.66
CD1 TYR C . -12.55 12.09 21.11
CD2 TYR C . -14.31 13.53 21.94
CE1 TYR C . -13.49 11.11 20.84
CE2 TYR C . -15.24 12.54 21.65
CZ TYR C . -14.83 11.33 21.11
OH TYR C . -15.76 10.33 20.83
OXT TYR C . -9.48 15.55 22.50
MG MG D . -23.79 14.12 13.60
N TYR E . 15.33 -14.35 -21.21
CA TYR E . 14.22 -14.40 -20.26
C TYR E . 14.37 -15.62 -19.36
O TYR E . 13.77 -15.67 -18.25
CB TYR E . 12.88 -14.48 -20.99
CG TYR E . 12.59 -13.13 -21.60
CD1 TYR E . 12.35 -12.04 -20.78
CD2 TYR E . 12.54 -12.99 -22.98
CE1 TYR E . 12.08 -10.80 -21.34
CE2 TYR E . 12.27 -11.76 -23.54
CZ TYR E . 12.05 -10.66 -22.71
OH TYR E . 11.76 -9.41 -23.27
OXT TYR E . 15.10 -16.57 -19.73
C ACT F . 15.36 -2.91 -44.13
O ACT F . 15.31 -2.20 -43.08
OXT ACT F . 16.37 -3.22 -44.84
CH3 ACT F . 13.98 -3.51 -44.59
MG MG G . 1.39 -10.07 -28.91
#